data_6W58
#
_entry.id   6W58
#
_cell.length_a   47.863
_cell.length_b   67.281
_cell.length_c   67.204
_cell.angle_alpha   90.000
_cell.angle_beta   96.830
_cell.angle_gamma   90.000
#
_symmetry.space_group_name_H-M   'P 1 21 1'
#
loop_
_entity.id
_entity.type
_entity.pdbx_description
1 polymer 'Hematopoietic prostaglandin D synthase'
2 non-polymer GLUTATHIONE
3 non-polymer 7-(azetidin-1-yl)-~{N}-[4-(2-oxidanylpropan-2-yl)cyclohexyl]-1,6-naphthyridine-3-carboxamide
4 water water
#
_entity_poly.entity_id   1
_entity_poly.type   'polypeptide(L)'
_entity_poly.pdbx_seq_one_letter_code
;MPNYKLTYFNMRGRAEIIRYIFAYLDIQYEDHRIEQADWPEIKSTLPFGKIPILEVDGLTLHQSLAIARYLTKNTDLAGN
TEMEQCHVDAIVDTLDDFMSCFPWAEKKQDVKEQMFNELLTYNAPHLMQDLDTYLGGREWLIGNSVTWADFYWEICSTTL
LVFKPDLLDNHPRLVTLRKKVQAIPAVANWIKRRPQTKL
;
_entity_poly.pdbx_strand_id   A,B
#
loop_
_chem_comp.id
_chem_comp.type
_chem_comp.name
_chem_comp.formula
GSH non-polymer GLUTATHIONE 'C10 H17 N3 O6 S'
SWS non-polymer 7-(azetidin-1-yl)-~{N}-[4-(2-oxidanylpropan-2-yl)cyclohexyl]-1,6-naphthyridine-3-carboxamide 'C21 H28 N4 O2'
#
# COMPACT_ATOMS: atom_id res chain seq x y z
N MET A 1 18.13 8.65 -20.97
CA MET A 1 17.10 9.26 -20.13
C MET A 1 15.75 9.34 -20.83
N PRO A 2 14.69 8.85 -20.18
CA PRO A 2 13.33 9.07 -20.68
C PRO A 2 12.76 10.38 -20.15
N ASN A 3 11.75 10.86 -20.86
CA ASN A 3 11.01 12.04 -20.46
C ASN A 3 9.90 11.65 -19.50
N TYR A 4 9.66 12.52 -18.52
CA TYR A 4 8.71 12.23 -17.45
C TYR A 4 7.75 13.41 -17.27
N LYS A 5 6.52 13.09 -16.88
CA LYS A 5 5.51 14.11 -16.64
C LYS A 5 4.68 13.66 -15.44
N LEU A 6 4.85 14.34 -14.31
CA LEU A 6 4.10 14.04 -13.11
C LEU A 6 2.87 14.91 -13.05
N THR A 7 1.73 14.31 -12.74
CA THR A 7 0.47 15.04 -12.73
C THR A 7 -0.23 14.81 -11.41
N TYR A 8 -0.49 15.90 -10.68
CA TYR A 8 -1.10 15.85 -9.35
C TYR A 8 -1.71 17.23 -9.08
N PHE A 9 -2.42 17.31 -7.96
CA PHE A 9 -2.83 18.59 -7.42
C PHE A 9 -1.62 19.48 -7.08
N ASN A 10 -1.89 20.78 -6.95
CA ASN A 10 -0.93 21.74 -6.40
C ASN A 10 -0.92 21.62 -4.88
N MET A 11 -0.31 20.54 -4.42
CA MET A 11 -0.10 20.25 -3.01
C MET A 11 1.01 19.20 -2.94
N ARG A 12 1.48 18.89 -1.73
CA ARG A 12 2.51 17.85 -1.63
C ARG A 12 1.86 16.48 -1.73
N GLY A 13 0.98 16.16 -0.78
CA GLY A 13 0.08 15.04 -0.90
C GLY A 13 0.76 13.75 -1.24
N ARG A 14 0.17 13.00 -2.17
CA ARG A 14 0.70 11.68 -2.48
C ARG A 14 1.72 11.73 -3.59
N ALA A 15 2.06 12.91 -4.07
CA ALA A 15 3.04 13.01 -5.13
C ALA A 15 4.41 13.34 -4.61
N GLU A 16 4.48 13.78 -3.35
CA GLU A 16 5.73 14.32 -2.83
C GLU A 16 6.82 13.26 -2.82
N ILE A 17 6.47 12.01 -2.50
CA ILE A 17 7.47 10.93 -2.54
C ILE A 17 8.11 10.84 -3.91
N ILE A 18 7.32 11.04 -4.97
CA ILE A 18 7.87 10.87 -6.31
C ILE A 18 8.79 12.02 -6.64
N ARG A 19 8.39 13.24 -6.26
CA ARG A 19 9.23 14.41 -6.46
C ARG A 19 10.53 14.29 -5.66
N TYR A 20 10.46 13.69 -4.46
CA TYR A 20 11.69 13.49 -3.69
C TYR A 20 12.64 12.53 -4.40
N ILE A 21 12.10 11.41 -4.90
CA ILE A 21 12.94 10.46 -5.65
C ILE A 21 13.50 11.13 -6.89
N PHE A 22 12.66 11.84 -7.63
CA PHE A 22 13.15 12.51 -8.82
C PHE A 22 14.33 13.42 -8.46
N ALA A 23 14.15 14.23 -7.42
CA ALA A 23 15.16 15.20 -7.01
C ALA A 23 16.44 14.51 -6.55
N TYR A 24 16.29 13.46 -5.73
CA TYR A 24 17.46 12.76 -5.25
C TYR A 24 18.25 12.12 -6.39
N LEU A 25 17.56 11.59 -7.40
CA LEU A 25 18.24 10.90 -8.48
C LEU A 25 18.64 11.81 -9.61
N ASP A 26 18.31 13.10 -9.52
CA ASP A 26 18.71 14.08 -10.53
C ASP A 26 18.08 13.71 -11.88
N ILE A 27 16.76 13.62 -11.88
CA ILE A 27 15.98 13.27 -13.06
C ILE A 27 15.10 14.47 -13.41
N GLN A 28 15.48 15.18 -14.47
CA GLN A 28 14.62 16.20 -15.06
C GLN A 28 13.25 15.62 -15.42
N TYR A 29 12.21 16.21 -14.85
CA TYR A 29 10.84 15.80 -15.16
C TYR A 29 9.94 17.03 -15.13
N GLU A 30 8.72 16.84 -15.61
CA GLU A 30 7.71 17.89 -15.59
C GLU A 30 6.77 17.63 -14.43
N ASP A 31 6.60 18.65 -13.58
CA ASP A 31 5.74 18.56 -12.42
C ASP A 31 4.45 19.31 -12.72
N HIS A 32 3.51 18.61 -13.35
CA HIS A 32 2.29 19.24 -13.79
C HIS A 32 1.28 19.21 -12.65
N ARG A 33 0.93 20.39 -12.14
CA ARG A 33 0.01 20.56 -11.02
C ARG A 33 -1.30 21.15 -11.53
N ILE A 34 -2.43 20.53 -11.15
CA ILE A 34 -3.75 20.99 -11.59
C ILE A 34 -4.48 21.68 -10.43
N GLU A 35 -5.46 22.49 -10.81
CA GLU A 35 -6.41 22.98 -9.82
C GLU A 35 -7.44 21.90 -9.59
N GLN A 36 -8.00 21.87 -8.38
CA GLN A 36 -9.09 20.95 -8.13
C GLN A 36 -10.32 21.27 -8.96
N ALA A 37 -10.39 22.46 -9.57
CA ALA A 37 -11.46 22.76 -10.50
C ALA A 37 -11.30 21.97 -11.79
N ASP A 38 -10.06 21.73 -12.20
CA ASP A 38 -9.79 20.92 -13.38
C ASP A 38 -9.79 19.42 -13.09
N TRP A 39 -10.38 18.98 -11.97
CA TRP A 39 -10.31 17.58 -11.55
C TRP A 39 -11.37 16.70 -12.23
N PRO A 40 -12.65 17.11 -12.28
CA PRO A 40 -13.62 16.32 -13.06
C PRO A 40 -13.23 16.15 -14.52
N GLU A 41 -12.72 17.22 -15.14
CA GLU A 41 -12.34 17.14 -16.54
C GLU A 41 -11.21 16.13 -16.77
N ILE A 42 -10.41 15.85 -15.73
CA ILE A 42 -9.28 14.96 -15.90
C ILE A 42 -9.54 13.57 -15.32
N LYS A 43 -10.48 13.44 -14.38
CA LYS A 43 -10.66 12.16 -13.71
C LYS A 43 -11.02 11.05 -14.69
N SER A 44 -11.98 11.31 -15.58
CA SER A 44 -12.38 10.31 -16.57
C SER A 44 -11.21 9.85 -17.43
N THR A 45 -10.24 10.74 -17.68
CA THR A 45 -9.04 10.38 -18.44
C THR A 45 -8.18 9.35 -17.70
N LEU A 46 -8.17 9.40 -16.37
CA LEU A 46 -7.26 8.55 -15.61
C LEU A 46 -7.66 7.08 -15.71
N PRO A 47 -6.70 6.16 -15.53
CA PRO A 47 -7.02 4.73 -15.61
C PRO A 47 -8.08 4.33 -14.61
N PHE A 48 -7.79 4.56 -13.32
CA PHE A 48 -8.70 4.25 -12.21
C PHE A 48 -9.20 5.52 -11.49
N GLY A 49 -9.05 6.69 -12.10
CA GLY A 49 -9.68 7.90 -11.58
C GLY A 49 -9.06 8.50 -10.34
N LYS A 50 -7.83 8.12 -10.00
CA LYS A 50 -7.13 8.70 -8.87
C LYS A 50 -5.80 9.26 -9.35
N ILE A 51 -5.29 10.22 -8.59
CA ILE A 51 -4.06 10.96 -8.88
C ILE A 51 -3.10 10.71 -7.72
N PRO A 52 -1.76 10.73 -7.92
CA PRO A 52 -0.92 11.07 -9.08
C PRO A 52 -0.75 9.98 -10.13
N ILE A 53 -0.33 10.43 -11.32
CA ILE A 53 0.11 9.56 -12.39
C ILE A 53 1.46 10.06 -12.90
N LEU A 54 2.30 9.12 -13.32
CA LEU A 54 3.56 9.42 -14.00
C LEU A 54 3.50 8.91 -15.45
N GLU A 55 3.82 9.78 -16.39
CA GLU A 55 3.91 9.41 -17.80
C GLU A 55 5.38 9.30 -18.17
N VAL A 56 5.79 8.12 -18.65
CA VAL A 56 7.14 7.88 -19.13
C VAL A 56 7.00 7.44 -20.59
N ASP A 57 7.35 8.31 -21.51
CA ASP A 57 7.27 8.03 -22.94
C ASP A 57 5.89 7.51 -23.31
N GLY A 58 4.88 8.33 -23.03
CA GLY A 58 3.50 8.04 -23.38
C GLY A 58 2.84 6.92 -22.61
N LEU A 59 3.46 6.43 -21.55
CA LEU A 59 2.90 5.31 -20.80
C LEU A 59 2.55 5.82 -19.42
N THR A 60 1.27 5.72 -19.06
CA THR A 60 0.78 6.24 -17.80
C THR A 60 0.98 5.21 -16.70
N LEU A 61 1.66 5.61 -15.62
CA LEU A 61 1.73 4.81 -14.41
C LEU A 61 0.89 5.47 -13.34
N HIS A 62 0.25 4.67 -12.51
CA HIS A 62 -0.51 5.22 -11.41
C HIS A 62 -0.09 4.54 -10.13
N GLN A 63 -0.59 5.08 -9.03
CA GLN A 63 -0.35 4.62 -7.65
C GLN A 63 1.03 5.05 -7.18
N SER A 64 1.04 6.04 -6.29
CA SER A 64 2.27 6.73 -5.88
C SER A 64 3.34 5.77 -5.38
N LEU A 65 2.96 4.84 -4.50
CA LEU A 65 3.98 3.98 -3.92
C LEU A 65 4.55 3.01 -4.95
N ALA A 66 3.71 2.56 -5.91
CA ALA A 66 4.21 1.72 -7.01
C ALA A 66 5.12 2.52 -7.94
N ILE A 67 4.78 3.77 -8.24
CA ILE A 67 5.71 4.60 -9.01
C ILE A 67 7.01 4.85 -8.24
N ALA A 68 6.91 5.11 -6.93
CA ALA A 68 8.10 5.33 -6.10
C ALA A 68 8.99 4.11 -6.14
N ARG A 69 8.39 2.94 -5.90
CA ARG A 69 9.13 1.69 -6.01
C ARG A 69 9.72 1.48 -7.40
N TYR A 70 8.94 1.76 -8.45
CA TYR A 70 9.44 1.62 -9.81
C TYR A 70 10.68 2.49 -10.02
N LEU A 71 10.63 3.75 -9.57
CA LEU A 71 11.73 4.66 -9.88
C LEU A 71 12.98 4.42 -9.05
N THR A 72 12.87 3.74 -7.91
CA THR A 72 14.04 3.48 -7.09
C THR A 72 14.65 2.08 -7.28
N LYS A 73 13.99 1.18 -8.01
CA LYS A 73 14.56 -0.15 -8.24
C LYS A 73 15.96 -0.03 -8.84
N ASN A 74 16.91 -0.79 -8.28
CA ASN A 74 18.32 -0.76 -8.68
C ASN A 74 19.01 0.56 -8.34
N THR A 75 18.48 1.33 -7.41
CA THR A 75 19.14 2.52 -6.92
C THR A 75 19.46 2.37 -5.45
N ASP A 76 20.36 3.22 -4.95
CA ASP A 76 20.68 3.24 -3.53
C ASP A 76 19.43 3.39 -2.68
N LEU A 77 18.43 4.14 -3.16
CA LEU A 77 17.23 4.46 -2.37
C LEU A 77 16.38 3.24 -2.06
N ALA A 78 16.69 2.09 -2.65
CA ALA A 78 15.80 0.94 -2.62
C ALA A 78 15.97 0.07 -1.40
N GLY A 79 17.20 0.04 -0.86
CA GLY A 79 17.64 -1.04 0.01
C GLY A 79 18.51 -2.03 -0.75
N ASN A 80 19.42 -2.69 -0.02
CA ASN A 80 20.51 -3.46 -0.60
C ASN A 80 20.19 -4.95 -0.72
N THR A 81 19.14 -5.43 -0.09
CA THR A 81 18.77 -6.84 -0.12
C THR A 81 17.26 -6.94 -0.20
N GLU A 82 16.77 -8.12 -0.57
CA GLU A 82 15.33 -8.32 -0.63
C GLU A 82 14.70 -8.14 0.74
N MET A 83 15.40 -8.56 1.80
CA MET A 83 14.94 -8.31 3.16
C MET A 83 14.91 -6.81 3.47
N GLU A 84 15.96 -6.09 3.07
CA GLU A 84 15.96 -4.65 3.29
C GLU A 84 14.87 -3.96 2.46
N GLN A 85 14.69 -4.37 1.20
CA GLN A 85 13.58 -3.85 0.41
C GLN A 85 12.24 -4.24 1.01
N CYS A 86 12.14 -5.41 1.63
CA CYS A 86 10.92 -5.72 2.34
C CYS A 86 10.68 -4.75 3.50
N HIS A 87 11.72 -4.41 4.28
CA HIS A 87 11.55 -3.51 5.42
C HIS A 87 11.17 -2.12 4.98
N VAL A 88 11.82 -1.63 3.92
CA VAL A 88 11.41 -0.37 3.30
C VAL A 88 9.92 -0.38 2.96
N ASP A 89 9.44 -1.46 2.37
CA ASP A 89 8.03 -1.54 2.02
C ASP A 89 7.13 -1.64 3.23
N ALA A 90 7.58 -2.31 4.30
CA ALA A 90 6.75 -2.44 5.49
C ALA A 90 6.56 -1.10 6.18
N ILE A 91 7.65 -0.34 6.29
CA ILE A 91 7.62 0.99 6.90
C ILE A 91 6.76 1.95 6.08
N VAL A 92 7.01 1.99 4.77
CA VAL A 92 6.22 2.83 3.89
C VAL A 92 4.73 2.50 4.02
N ASP A 93 4.38 1.22 3.93
CA ASP A 93 2.99 0.82 4.05
C ASP A 93 2.40 1.19 5.40
N THR A 94 3.22 1.11 6.47
CA THR A 94 2.73 1.38 7.82
C THR A 94 2.41 2.86 7.98
N LEU A 95 3.38 3.71 7.65
CA LEU A 95 3.13 5.14 7.53
C LEU A 95 1.91 5.41 6.66
N ASP A 96 1.79 4.72 5.53
CA ASP A 96 0.73 5.05 4.58
C ASP A 96 -0.65 4.66 5.10
N ASP A 97 -0.74 3.53 5.79
CA ASP A 97 -2.03 3.15 6.37
C ASP A 97 -2.52 4.23 7.33
N PHE A 98 -1.61 4.83 8.10
CA PHE A 98 -2.00 5.85 9.06
C PHE A 98 -2.34 7.17 8.38
N MET A 99 -1.54 7.59 7.40
CA MET A 99 -1.90 8.77 6.62
C MET A 99 -3.26 8.61 5.97
N SER A 100 -3.63 7.38 5.60
CA SER A 100 -4.88 7.16 4.90
C SER A 100 -6.08 7.14 5.83
N CYS A 101 -5.87 6.95 7.14
CA CYS A 101 -6.97 6.94 8.09
C CYS A 101 -7.65 8.29 8.17
N PHE A 102 -6.93 9.35 7.87
CA PHE A 102 -7.44 10.70 8.04
C PHE A 102 -8.53 10.99 7.00
N PRO A 103 -9.67 11.54 7.40
CA PRO A 103 -10.78 11.78 6.46
C PRO A 103 -10.61 13.07 5.66
N TRP A 104 -9.64 13.06 4.75
CA TRP A 104 -9.34 14.27 3.98
C TRP A 104 -10.55 14.72 3.17
N ALA A 105 -11.39 13.79 2.73
CA ALA A 105 -12.51 14.10 1.86
C ALA A 105 -13.81 14.39 2.60
N GLU A 106 -13.82 14.32 3.93
CA GLU A 106 -15.05 14.51 4.69
C GLU A 106 -15.53 15.95 4.54
N LYS A 107 -16.70 16.11 3.93
CA LYS A 107 -17.21 17.46 3.62
C LYS A 107 -17.69 18.19 4.86
N LYS A 108 -18.31 17.49 5.80
CA LYS A 108 -18.74 18.07 7.07
C LYS A 108 -17.51 18.45 7.88
N GLN A 109 -17.11 19.72 7.85
CA GLN A 109 -15.87 20.15 8.50
C GLN A 109 -15.89 19.89 9.99
N ASP A 110 -17.08 19.85 10.60
CA ASP A 110 -17.19 19.46 12.00
C ASP A 110 -16.68 18.04 12.23
N VAL A 111 -17.22 17.08 11.47
CA VAL A 111 -16.84 15.67 11.63
C VAL A 111 -15.38 15.45 11.31
N LYS A 112 -14.84 16.20 10.34
CA LYS A 112 -13.43 16.10 10.01
C LYS A 112 -12.55 16.64 11.14
N GLU A 113 -13.07 17.55 11.95
CA GLU A 113 -12.33 18.00 13.13
C GLU A 113 -12.18 16.87 14.14
N GLN A 114 -13.28 16.18 14.44
CA GLN A 114 -13.27 15.14 15.47
C GLN A 114 -12.30 14.03 15.15
N MET A 115 -12.48 13.37 13.99
CA MET A 115 -11.61 12.27 13.60
C MET A 115 -10.16 12.69 13.61
N PHE A 116 -9.85 13.86 13.05
CA PHE A 116 -8.48 14.36 13.02
C PHE A 116 -7.91 14.49 14.43
N ASN A 117 -8.68 15.09 15.34
CA ASN A 117 -8.20 15.25 16.71
C ASN A 117 -7.94 13.89 17.36
N GLU A 118 -8.86 12.95 17.20
CA GLU A 118 -8.70 11.64 17.84
C GLU A 118 -7.45 10.94 17.33
N LEU A 119 -7.26 10.90 16.01
CA LEU A 119 -6.11 10.21 15.44
C LEU A 119 -4.80 10.83 15.90
N LEU A 120 -4.76 12.16 16.00
CA LEU A 120 -3.57 12.86 16.44
C LEU A 120 -3.36 12.77 17.95
N THR A 121 -4.40 12.49 18.72
CA THR A 121 -4.25 12.40 20.15
C THR A 121 -4.02 10.97 20.62
N TYR A 122 -4.82 10.02 20.12
CA TYR A 122 -4.73 8.63 20.54
C TYR A 122 -3.86 7.79 19.61
N ASN A 123 -4.14 7.80 18.31
CA ASN A 123 -3.44 6.91 17.40
C ASN A 123 -1.99 7.34 17.18
N ALA A 124 -1.78 8.60 16.78
CA ALA A 124 -0.45 9.00 16.36
C ALA A 124 0.62 8.82 17.44
N PRO A 125 0.40 9.19 18.71
CA PRO A 125 1.49 9.04 19.69
C PRO A 125 1.99 7.61 19.80
N HIS A 126 1.08 6.63 19.78
CA HIS A 126 1.50 5.23 19.81
C HIS A 126 2.38 4.91 18.62
N LEU A 127 2.03 5.44 17.45
CA LEU A 127 2.81 5.16 16.24
C LEU A 127 4.19 5.80 16.33
N MET A 128 4.28 7.02 16.84
CA MET A 128 5.57 7.67 17.00
C MET A 128 6.47 6.91 17.96
N GLN A 129 5.89 6.14 18.89
CA GLN A 129 6.70 5.31 19.76
C GLN A 129 7.14 4.03 19.05
N ASP A 130 6.32 3.52 18.13
CA ASP A 130 6.71 2.34 17.38
C ASP A 130 7.88 2.64 16.44
N LEU A 131 7.84 3.78 15.77
CA LEU A 131 8.95 4.18 14.92
C LEU A 131 10.23 4.34 15.71
N ASP A 132 10.15 5.04 16.85
CA ASP A 132 11.33 5.29 17.69
C ASP A 132 12.00 3.98 18.08
N THR A 133 11.22 3.05 18.64
CA THR A 133 11.75 1.74 18.98
C THR A 133 12.37 1.06 17.76
N TYR A 134 11.63 1.05 16.64
CA TYR A 134 12.12 0.41 15.43
C TYR A 134 13.45 1.01 14.97
N LEU A 135 13.54 2.33 14.93
CA LEU A 135 14.77 2.99 14.49
C LEU A 135 15.95 2.64 15.40
N GLY A 136 15.70 2.55 16.71
CA GLY A 136 16.79 2.25 17.63
C GLY A 136 17.90 3.28 17.49
N GLY A 137 19.13 2.78 17.51
CA GLY A 137 20.28 3.64 17.39
C GLY A 137 20.87 3.70 16.00
N ARG A 138 20.02 3.64 14.97
CA ARG A 138 20.46 3.84 13.60
C ARG A 138 20.12 5.25 13.17
N GLU A 139 20.91 5.79 12.24
CA GLU A 139 20.57 7.07 11.64
C GLU A 139 19.35 6.93 10.74
N TRP A 140 19.29 5.88 9.91
CA TRP A 140 18.23 5.69 8.94
C TRP A 140 17.33 4.52 9.30
N LEU A 141 16.11 4.59 8.76
CA LEU A 141 15.08 3.62 9.12
C LEU A 141 15.43 2.19 8.67
N ILE A 142 16.15 2.04 7.56
CA ILE A 142 16.48 0.71 7.03
C ILE A 142 17.95 0.71 6.65
N GLY A 143 18.70 -0.25 7.18
CA GLY A 143 20.11 -0.32 6.81
C GLY A 143 20.95 0.85 7.32
N ASN A 144 22.09 1.06 6.66
CA ASN A 144 23.07 2.07 7.03
C ASN A 144 23.12 3.24 6.04
N SER A 145 22.04 3.50 5.30
CA SER A 145 22.02 4.59 4.32
C SER A 145 20.57 4.93 3.98
N VAL A 146 20.39 6.09 3.35
CA VAL A 146 19.03 6.60 3.15
C VAL A 146 18.27 5.73 2.16
N THR A 147 17.00 5.49 2.45
CA THR A 147 16.07 4.91 1.51
C THR A 147 14.87 5.82 1.34
N TRP A 148 14.02 5.52 0.37
CA TRP A 148 12.83 6.33 0.19
C TRP A 148 11.83 6.14 1.32
N ALA A 149 12.00 5.11 2.16
CA ALA A 149 11.26 5.06 3.41
C ALA A 149 11.54 6.29 4.28
N ASP A 150 12.80 6.72 4.35
CA ASP A 150 13.15 7.91 5.13
C ASP A 150 12.46 9.16 4.56
N PHE A 151 12.62 9.35 3.24
CA PHE A 151 11.86 10.30 2.44
C PHE A 151 10.41 10.29 2.89
N TYR A 152 9.84 9.10 3.08
CA TYR A 152 8.41 9.03 3.33
C TYR A 152 8.11 9.45 4.76
N TRP A 153 8.96 9.03 5.69
CA TRP A 153 8.85 9.52 7.05
C TRP A 153 8.80 11.04 7.08
N GLU A 154 9.79 11.68 6.45
CA GLU A 154 9.84 13.13 6.40
C GLU A 154 8.56 13.72 5.79
N ILE A 155 8.10 13.17 4.64
CA ILE A 155 6.92 13.72 3.98
C ILE A 155 5.69 13.59 4.89
N CYS A 156 5.50 12.40 5.46
CA CYS A 156 4.34 12.18 6.32
C CYS A 156 4.40 13.06 7.55
N SER A 157 5.57 13.14 8.20
CA SER A 157 5.63 13.89 9.45
C SER A 157 5.45 15.39 9.20
N THR A 158 5.98 15.90 8.08
CA THR A 158 5.75 17.30 7.73
C THR A 158 4.26 17.62 7.74
N THR A 159 3.44 16.72 7.21
CA THR A 159 2.01 16.98 7.15
C THR A 159 1.32 16.66 8.47
N LEU A 160 1.86 15.72 9.23
CA LEU A 160 1.31 15.51 10.56
C LEU A 160 1.68 16.65 11.50
N LEU A 161 2.82 17.31 11.28
CA LEU A 161 3.22 18.39 12.17
C LEU A 161 2.38 19.65 11.98
N VAL A 162 1.87 19.87 10.76
CA VAL A 162 1.02 21.04 10.51
C VAL A 162 -0.17 21.04 11.47
N PHE A 163 -0.75 19.87 11.72
CA PHE A 163 -1.90 19.78 12.60
C PHE A 163 -1.50 19.74 14.08
N LYS A 164 -0.62 18.81 14.45
CA LYS A 164 -0.17 18.63 15.83
C LYS A 164 1.31 18.98 15.91
N PRO A 165 1.66 20.27 16.04
CA PRO A 165 3.06 20.68 15.86
C PRO A 165 4.00 20.22 16.97
N ASP A 166 3.48 19.69 18.08
CA ASP A 166 4.29 19.17 19.17
C ASP A 166 4.40 17.65 19.11
N LEU A 167 4.12 17.05 17.96
CA LEU A 167 3.97 15.61 17.84
C LEU A 167 5.27 14.87 18.11
N LEU A 168 6.41 15.52 17.87
CA LEU A 168 7.71 14.87 18.01
C LEU A 168 8.54 15.43 19.17
N ASP A 169 7.90 16.12 20.12
CA ASP A 169 8.66 16.77 21.19
C ASP A 169 9.35 15.76 22.10
N ASN A 170 8.77 14.57 22.28
CA ASN A 170 9.39 13.49 23.04
C ASN A 170 10.13 12.48 22.15
N HIS A 171 10.44 12.84 20.91
CA HIS A 171 11.06 11.90 19.96
C HIS A 171 12.13 12.62 19.13
N PRO A 172 13.17 13.13 19.79
CA PRO A 172 14.24 13.84 19.04
C PRO A 172 14.95 12.97 18.02
N ARG A 173 14.98 11.65 18.23
CA ARG A 173 15.57 10.80 17.19
C ARG A 173 14.76 10.85 15.91
N LEU A 174 13.42 10.92 16.01
CA LEU A 174 12.59 11.08 14.82
C LEU A 174 12.67 12.48 14.24
N VAL A 175 13.12 13.47 15.00
CA VAL A 175 13.33 14.79 14.45
C VAL A 175 14.65 14.83 13.70
N THR A 176 15.66 14.15 14.24
CA THR A 176 16.96 14.12 13.59
C THR A 176 16.85 13.40 12.26
N LEU A 177 16.05 12.34 12.20
CA LEU A 177 15.76 11.69 10.93
C LEU A 177 15.21 12.71 9.93
N ARG A 178 14.14 13.42 10.32
CA ARG A 178 13.61 14.46 9.45
C ARG A 178 14.70 15.39 8.97
N LYS A 179 15.63 15.77 9.86
CA LYS A 179 16.68 16.70 9.48
C LYS A 179 17.72 16.04 8.59
N LYS A 180 18.05 14.77 8.85
CA LYS A 180 18.98 14.08 7.97
C LYS A 180 18.47 14.03 6.53
N VAL A 181 17.16 13.91 6.34
CA VAL A 181 16.63 13.91 4.98
C VAL A 181 16.68 15.31 4.39
N GLN A 182 16.17 16.30 5.13
CA GLN A 182 16.28 17.70 4.71
C GLN A 182 17.74 18.15 4.57
N ALA A 183 18.71 17.35 4.99
CA ALA A 183 20.12 17.70 4.80
C ALA A 183 20.66 17.21 3.47
N ILE A 184 20.01 16.24 2.83
CA ILE A 184 20.48 15.75 1.54
C ILE A 184 20.43 16.90 0.53
N PRO A 185 21.58 17.34 0.02
CA PRO A 185 21.59 18.57 -0.81
C PRO A 185 20.58 18.58 -1.95
N ALA A 186 20.34 17.44 -2.60
CA ALA A 186 19.33 17.43 -3.64
C ALA A 186 17.94 17.62 -3.07
N VAL A 187 17.66 16.98 -1.94
CA VAL A 187 16.34 17.11 -1.31
C VAL A 187 16.15 18.52 -0.75
N ALA A 188 17.12 19.00 0.04
CA ALA A 188 17.12 20.38 0.50
C ALA A 188 16.94 21.35 -0.66
N ASN A 189 17.59 21.09 -1.78
CA ASN A 189 17.42 21.96 -2.93
C ASN A 189 15.97 22.01 -3.37
N TRP A 190 15.27 20.87 -3.31
CA TRP A 190 13.88 20.85 -3.77
C TRP A 190 12.90 21.34 -2.70
N ILE A 191 13.20 21.09 -1.43
CA ILE A 191 12.37 21.61 -0.33
C ILE A 191 12.33 23.14 -0.39
N LYS A 192 13.41 23.78 -0.81
CA LYS A 192 13.32 25.23 -0.91
C LYS A 192 12.61 25.64 -2.20
N ARG A 193 12.85 24.92 -3.29
CA ARG A 193 12.29 25.33 -4.57
C ARG A 193 10.79 25.07 -4.69
N ARG A 194 10.22 24.15 -3.91
CA ARG A 194 8.89 23.66 -4.19
C ARG A 194 7.83 24.70 -3.84
N PRO A 195 6.63 24.60 -4.42
CA PRO A 195 5.59 25.58 -4.11
C PRO A 195 5.09 25.41 -2.69
N GLN A 196 4.83 26.53 -2.02
CA GLN A 196 4.46 26.50 -0.62
C GLN A 196 2.97 26.27 -0.51
N THR A 197 2.58 25.05 -0.13
CA THR A 197 1.19 24.67 0.07
C THR A 197 1.03 24.13 1.47
N LYS A 198 -0.22 24.10 1.93
CA LYS A 198 -0.46 23.55 3.26
C LYS A 198 -0.20 22.06 3.27
N LEU A 199 -0.81 21.33 2.34
CA LEU A 199 -0.70 19.89 2.35
C LEU A 199 0.22 19.34 1.23
N MET B 1 17.02 -25.47 2.49
CA MET B 1 15.72 -24.81 2.44
C MET B 1 15.54 -23.83 3.59
N PRO B 2 14.78 -22.76 3.37
CA PRO B 2 14.49 -21.82 4.45
C PRO B 2 13.17 -22.12 5.15
N ASN B 3 13.05 -21.62 6.37
CA ASN B 3 11.90 -21.90 7.22
C ASN B 3 11.02 -20.67 7.35
N TYR B 4 9.72 -20.89 7.20
CA TYR B 4 8.72 -19.83 7.22
C TYR B 4 7.66 -20.17 8.27
N LYS B 5 7.16 -19.15 8.97
CA LYS B 5 6.09 -19.34 9.93
C LYS B 5 5.24 -18.07 9.92
N LEU B 6 3.97 -18.22 9.55
CA LEU B 6 3.06 -17.11 9.33
C LEU B 6 2.02 -17.06 10.44
N THR B 7 1.75 -15.87 10.97
CA THR B 7 0.74 -15.75 12.01
C THR B 7 -0.28 -14.67 11.66
N TYR B 8 -1.56 -15.06 11.68
CA TYR B 8 -2.70 -14.20 11.42
C TYR B 8 -3.90 -14.85 12.10
N PHE B 9 -5.09 -14.28 11.89
CA PHE B 9 -6.30 -14.89 12.41
C PHE B 9 -6.61 -16.18 11.66
N ASN B 10 -7.60 -16.92 12.17
CA ASN B 10 -8.19 -18.04 11.45
C ASN B 10 -9.25 -17.47 10.53
N MET B 11 -8.78 -16.86 9.45
CA MET B 11 -9.59 -16.30 8.38
C MET B 11 -8.68 -15.97 7.21
N ARG B 12 -9.27 -15.83 6.03
CA ARG B 12 -8.49 -15.42 4.87
C ARG B 12 -7.84 -14.06 5.13
N GLY B 13 -8.67 -13.02 5.29
CA GLY B 13 -8.19 -11.72 5.69
C GLY B 13 -7.03 -11.24 4.85
N ARG B 14 -6.10 -10.54 5.48
CA ARG B 14 -4.94 -10.02 4.77
C ARG B 14 -3.77 -10.98 4.79
N ALA B 15 -3.94 -12.19 5.32
CA ALA B 15 -2.88 -13.20 5.21
C ALA B 15 -3.02 -14.07 3.97
N GLU B 16 -4.24 -14.17 3.42
CA GLU B 16 -4.53 -15.16 2.38
C GLU B 16 -3.63 -14.98 1.17
N ILE B 17 -3.25 -13.75 0.85
CA ILE B 17 -2.39 -13.54 -0.31
C ILE B 17 -1.04 -14.24 -0.11
N ILE B 18 -0.50 -14.20 1.10
CA ILE B 18 0.75 -14.91 1.37
C ILE B 18 0.55 -16.41 1.18
N ARG B 19 -0.52 -16.95 1.76
CA ARG B 19 -0.81 -18.37 1.64
C ARG B 19 -0.93 -18.80 0.17
N TYR B 20 -1.61 -17.99 -0.65
CA TYR B 20 -1.68 -18.26 -2.08
C TYR B 20 -0.29 -18.33 -2.70
N ILE B 21 0.61 -17.47 -2.24
CA ILE B 21 1.94 -17.38 -2.83
C ILE B 21 2.78 -18.58 -2.45
N PHE B 22 2.59 -19.09 -1.23
CA PHE B 22 3.31 -20.26 -0.79
C PHE B 22 2.88 -21.47 -1.59
N ALA B 23 1.56 -21.62 -1.80
CA ALA B 23 1.06 -22.69 -2.63
C ALA B 23 1.71 -22.67 -4.01
N TYR B 24 1.59 -21.54 -4.71
CA TYR B 24 2.04 -21.47 -6.09
C TYR B 24 3.51 -21.86 -6.24
N LEU B 25 4.33 -21.52 -5.26
CA LEU B 25 5.77 -21.74 -5.38
C LEU B 25 6.22 -23.07 -4.79
N ASP B 26 5.29 -23.85 -4.23
CA ASP B 26 5.59 -25.12 -3.54
C ASP B 26 6.64 -24.90 -2.44
N ILE B 27 6.23 -24.12 -1.45
CA ILE B 27 7.08 -23.74 -0.33
C ILE B 27 6.41 -24.21 0.95
N GLN B 28 7.07 -25.12 1.66
CA GLN B 28 6.54 -25.59 2.94
C GLN B 28 6.69 -24.50 4.00
N TYR B 29 5.61 -24.26 4.74
CA TYR B 29 5.60 -23.28 5.82
C TYR B 29 4.54 -23.69 6.83
N GLU B 30 4.63 -23.10 8.03
CA GLU B 30 3.63 -23.29 9.07
C GLU B 30 2.57 -22.20 8.96
N ASP B 31 1.31 -22.61 8.79
CA ASP B 31 0.18 -21.68 8.80
C ASP B 31 -0.33 -21.62 10.23
N HIS B 32 0.23 -20.71 11.01
CA HIS B 32 -0.18 -20.53 12.39
C HIS B 32 -1.34 -19.54 12.43
N ARG B 33 -2.44 -19.95 13.05
CA ARG B 33 -3.63 -19.12 13.19
C ARG B 33 -3.89 -18.88 14.67
N ILE B 34 -4.05 -17.62 15.04
CA ILE B 34 -4.22 -17.23 16.43
C ILE B 34 -5.70 -17.05 16.72
N GLU B 35 -6.12 -17.40 17.94
CA GLU B 35 -7.49 -17.16 18.35
C GLU B 35 -7.73 -15.66 18.53
N GLN B 36 -8.97 -15.24 18.29
CA GLN B 36 -9.33 -13.84 18.51
C GLN B 36 -9.21 -13.45 19.98
N ALA B 37 -9.17 -14.44 20.88
CA ALA B 37 -8.96 -14.19 22.30
C ALA B 37 -7.51 -13.82 22.59
N ASP B 38 -6.56 -14.51 21.96
CA ASP B 38 -5.14 -14.22 22.18
C ASP B 38 -4.68 -12.93 21.49
N TRP B 39 -5.58 -12.17 20.86
CA TRP B 39 -5.18 -10.98 20.13
C TRP B 39 -4.61 -9.87 21.04
N PRO B 40 -5.29 -9.48 22.13
CA PRO B 40 -4.74 -8.37 22.94
C PRO B 40 -3.34 -8.62 23.48
N GLU B 41 -3.01 -9.86 23.82
CA GLU B 41 -1.66 -10.15 24.28
C GLU B 41 -0.66 -10.09 23.13
N ILE B 42 -1.02 -10.68 21.99
CA ILE B 42 -0.09 -10.78 20.86
C ILE B 42 0.27 -9.42 20.29
N LYS B 43 -0.65 -8.44 20.39
CA LYS B 43 -0.37 -7.10 19.89
C LYS B 43 0.92 -6.57 20.48
N SER B 44 1.07 -6.70 21.81
CA SER B 44 2.30 -6.27 22.48
C SER B 44 3.53 -6.89 21.83
N THR B 45 3.42 -8.14 21.36
CA THR B 45 4.54 -8.76 20.68
C THR B 45 4.75 -8.19 19.29
N LEU B 46 3.68 -7.87 18.57
CA LEU B 46 3.80 -7.47 17.17
C LEU B 46 4.54 -6.14 17.05
N PRO B 47 5.29 -5.93 15.96
CA PRO B 47 6.16 -4.74 15.87
C PRO B 47 5.37 -3.44 15.91
N PHE B 48 4.46 -3.30 14.94
CA PHE B 48 3.58 -2.15 14.84
C PHE B 48 2.12 -2.53 15.12
N GLY B 49 1.89 -3.68 15.75
CA GLY B 49 0.60 -4.00 16.29
C GLY B 49 -0.37 -4.64 15.33
N LYS B 50 0.00 -4.84 14.08
CA LYS B 50 -0.89 -5.43 13.10
C LYS B 50 -0.41 -6.83 12.73
N ILE B 51 -1.36 -7.65 12.30
CA ILE B 51 -1.04 -8.93 11.68
C ILE B 51 -1.42 -8.83 10.21
N PRO B 52 -0.93 -9.72 9.33
CA PRO B 52 -0.07 -10.87 9.60
C PRO B 52 1.40 -10.52 9.84
N ILE B 53 2.10 -11.42 10.52
CA ILE B 53 3.55 -11.39 10.52
C ILE B 53 4.05 -12.71 9.93
N LEU B 54 5.28 -12.66 9.44
CA LEU B 54 5.94 -13.82 8.86
C LEU B 54 7.31 -13.97 9.51
N GLU B 55 7.47 -15.00 10.32
CA GLU B 55 8.78 -15.31 10.88
C GLU B 55 9.58 -16.11 9.85
N VAL B 56 10.81 -15.68 9.59
CA VAL B 56 11.68 -16.29 8.59
C VAL B 56 13.03 -16.55 9.25
N ASP B 57 13.25 -17.78 9.71
CA ASP B 57 14.56 -18.18 10.23
C ASP B 57 15.02 -17.21 11.31
N GLY B 58 14.11 -16.85 12.20
CA GLY B 58 14.45 -15.94 13.28
C GLY B 58 14.42 -14.48 12.92
N LEU B 59 13.75 -14.10 11.84
CA LEU B 59 13.48 -12.69 11.53
C LEU B 59 11.99 -12.51 11.34
N THR B 60 11.44 -11.40 11.81
CA THR B 60 10.02 -11.12 11.69
C THR B 60 9.77 -10.06 10.62
N LEU B 61 8.85 -10.34 9.71
CA LEU B 61 8.38 -9.37 8.74
C LEU B 61 6.94 -8.99 9.07
N HIS B 62 6.58 -7.75 8.79
CA HIS B 62 5.19 -7.34 8.88
C HIS B 62 4.73 -6.76 7.54
N GLN B 63 3.44 -6.43 7.48
CA GLN B 63 2.77 -5.80 6.36
C GLN B 63 2.58 -6.77 5.19
N SER B 64 1.38 -7.36 5.14
CA SER B 64 1.08 -8.43 4.19
C SER B 64 1.52 -8.12 2.77
N LEU B 65 1.32 -6.89 2.30
CA LEU B 65 1.71 -6.56 0.94
C LEU B 65 3.23 -6.54 0.77
N ALA B 66 3.95 -6.02 1.77
CA ALA B 66 5.40 -6.01 1.72
C ALA B 66 5.94 -7.44 1.75
N ILE B 67 5.25 -8.32 2.47
CA ILE B 67 5.68 -9.71 2.58
C ILE B 67 5.48 -10.44 1.27
N ALA B 68 4.25 -10.38 0.74
CA ALA B 68 3.94 -10.90 -0.58
C ALA B 68 4.92 -10.41 -1.64
N ARG B 69 5.26 -9.11 -1.60
CA ARG B 69 6.19 -8.57 -2.59
C ARG B 69 7.58 -9.19 -2.42
N TYR B 70 7.97 -9.47 -1.17
CA TYR B 70 9.26 -10.11 -0.92
C TYR B 70 9.29 -11.53 -1.50
N LEU B 71 8.27 -12.33 -1.19
CA LEU B 71 8.24 -13.72 -1.62
C LEU B 71 8.13 -13.86 -3.14
N THR B 72 7.55 -12.88 -3.83
CA THR B 72 7.40 -12.94 -5.29
C THR B 72 8.53 -12.27 -6.04
N LYS B 73 9.48 -11.64 -5.34
CA LYS B 73 10.44 -10.75 -5.99
C LYS B 73 11.10 -11.40 -7.21
N ASN B 74 11.77 -12.54 -7.01
CA ASN B 74 12.52 -13.16 -8.10
C ASN B 74 11.71 -14.21 -8.88
N THR B 75 10.40 -14.28 -8.70
CA THR B 75 9.59 -15.30 -9.32
C THR B 75 8.77 -14.69 -10.47
N ASP B 76 8.05 -15.57 -11.19
CA ASP B 76 7.25 -15.11 -12.33
C ASP B 76 5.94 -14.48 -11.90
N LEU B 77 5.49 -14.70 -10.66
CA LEU B 77 4.35 -13.94 -10.15
C LEU B 77 4.58 -12.44 -10.18
N ALA B 78 5.81 -11.98 -10.33
CA ALA B 78 6.13 -10.57 -10.11
C ALA B 78 5.94 -9.69 -11.34
N GLY B 79 6.00 -10.24 -12.55
CA GLY B 79 5.74 -9.45 -13.75
C GLY B 79 6.87 -9.50 -14.76
N ASN B 80 6.56 -9.43 -16.06
CA ASN B 80 7.57 -9.77 -17.06
C ASN B 80 8.52 -8.62 -17.38
N THR B 81 8.16 -7.37 -17.08
CA THR B 81 9.05 -6.24 -17.34
C THR B 81 9.05 -5.31 -16.13
N GLU B 82 9.98 -4.37 -16.11
CA GLU B 82 10.04 -3.43 -15.01
C GLU B 82 8.79 -2.57 -14.97
N MET B 83 8.33 -2.12 -16.14
CA MET B 83 7.05 -1.42 -16.21
C MET B 83 5.91 -2.32 -15.75
N GLU B 84 5.94 -3.60 -16.10
CA GLU B 84 4.80 -4.46 -15.73
C GLU B 84 4.76 -4.74 -14.23
N GLN B 85 5.93 -4.84 -13.58
CA GLN B 85 5.91 -5.00 -12.13
C GLN B 85 5.37 -3.75 -11.43
N CYS B 86 5.70 -2.57 -11.97
CA CYS B 86 5.04 -1.37 -11.47
C CYS B 86 3.53 -1.55 -11.56
N HIS B 87 3.04 -2.04 -12.73
CA HIS B 87 1.59 -2.26 -12.95
C HIS B 87 1.03 -3.32 -12.01
N VAL B 88 1.81 -4.35 -11.72
CA VAL B 88 1.36 -5.33 -10.73
C VAL B 88 1.15 -4.65 -9.38
N ASP B 89 2.14 -3.89 -8.91
CA ASP B 89 1.97 -3.17 -7.65
C ASP B 89 0.79 -2.21 -7.70
N ALA B 90 0.62 -1.52 -8.84
CA ALA B 90 -0.42 -0.51 -8.93
C ALA B 90 -1.81 -1.12 -8.85
N ILE B 91 -2.03 -2.27 -9.50
CA ILE B 91 -3.34 -2.93 -9.41
C ILE B 91 -3.60 -3.41 -8.00
N VAL B 92 -2.58 -3.97 -7.35
CA VAL B 92 -2.73 -4.45 -5.98
C VAL B 92 -2.98 -3.29 -5.02
N ASP B 93 -2.27 -2.18 -5.20
CA ASP B 93 -2.56 -1.03 -4.34
C ASP B 93 -3.95 -0.49 -4.61
N THR B 94 -4.37 -0.45 -5.89
CA THR B 94 -5.74 -0.01 -6.19
C THR B 94 -6.75 -0.90 -5.49
N LEU B 95 -6.50 -2.22 -5.48
CA LEU B 95 -7.44 -3.12 -4.82
C LEU B 95 -7.31 -3.04 -3.30
N ASP B 96 -6.09 -2.95 -2.78
CA ASP B 96 -5.95 -2.84 -1.34
C ASP B 96 -6.58 -1.54 -0.81
N ASP B 97 -6.41 -0.43 -1.54
CA ASP B 97 -7.05 0.80 -1.11
C ASP B 97 -8.54 0.59 -0.92
N PHE B 98 -9.18 -0.12 -1.85
CA PHE B 98 -10.62 -0.26 -1.77
C PHE B 98 -11.01 -1.19 -0.63
N MET B 99 -10.28 -2.30 -0.46
CA MET B 99 -10.50 -3.16 0.70
C MET B 99 -10.28 -2.39 2.00
N SER B 100 -9.28 -1.49 2.02
CA SER B 100 -8.97 -0.77 3.25
C SER B 100 -10.03 0.26 3.61
N CYS B 101 -10.75 0.81 2.62
CA CYS B 101 -11.85 1.72 2.93
C CYS B 101 -12.86 1.08 3.90
N PHE B 102 -13.06 -0.22 3.80
CA PHE B 102 -14.10 -0.85 4.59
C PHE B 102 -13.73 -0.81 6.07
N PRO B 103 -14.69 -0.58 6.95
CA PRO B 103 -14.42 -0.45 8.42
C PRO B 103 -14.49 -1.78 9.15
N TRP B 104 -13.53 -2.67 8.83
CA TRP B 104 -13.56 -4.02 9.37
C TRP B 104 -13.54 -4.05 10.89
N ALA B 105 -12.92 -3.05 11.52
CA ALA B 105 -12.74 -3.04 12.97
C ALA B 105 -13.66 -2.05 13.67
N GLU B 106 -14.64 -1.49 12.97
CA GLU B 106 -15.51 -0.48 13.56
C GLU B 106 -16.28 -1.08 14.72
N LYS B 107 -16.13 -0.46 15.90
CA LYS B 107 -16.78 -1.00 17.08
C LYS B 107 -18.27 -0.69 17.08
N LYS B 108 -18.67 0.46 16.54
CA LYS B 108 -20.07 0.83 16.49
C LYS B 108 -20.74 0.14 15.31
N GLN B 109 -21.72 -0.73 15.61
CA GLN B 109 -22.36 -1.54 14.57
C GLN B 109 -22.99 -0.66 13.50
N ASP B 110 -23.78 0.34 13.91
CA ASP B 110 -24.52 1.14 12.94
C ASP B 110 -23.59 1.84 11.96
N VAL B 111 -22.42 2.28 12.43
CA VAL B 111 -21.42 2.87 11.54
C VAL B 111 -20.95 1.82 10.54
N LYS B 112 -20.77 0.58 11.00
CA LYS B 112 -20.25 -0.47 10.13
C LYS B 112 -21.18 -0.73 8.95
N GLU B 113 -22.50 -0.76 9.20
CA GLU B 113 -23.44 -1.05 8.13
C GLU B 113 -23.49 0.09 7.11
N GLN B 114 -23.65 1.33 7.59
CA GLN B 114 -23.83 2.45 6.66
C GLN B 114 -22.67 2.57 5.68
N MET B 115 -21.46 2.25 6.13
CA MET B 115 -20.31 2.38 5.24
C MET B 115 -20.22 1.21 4.27
N PHE B 116 -20.42 -0.02 4.76
CA PHE B 116 -20.42 -1.19 3.88
C PHE B 116 -21.41 -1.01 2.74
N ASN B 117 -22.69 -0.90 3.07
CA ASN B 117 -23.72 -0.55 2.09
C ASN B 117 -23.22 0.52 1.13
N GLU B 118 -22.89 1.70 1.67
CA GLU B 118 -22.44 2.80 0.83
C GLU B 118 -21.37 2.36 -0.17
N LEU B 119 -20.38 1.60 0.30
CA LEU B 119 -19.26 1.25 -0.56
C LEU B 119 -19.65 0.19 -1.60
N LEU B 120 -20.57 -0.71 -1.25
CA LEU B 120 -21.00 -1.74 -2.18
C LEU B 120 -21.96 -1.19 -3.24
N THR B 121 -22.78 -0.20 -2.87
CA THR B 121 -23.77 0.33 -3.78
C THR B 121 -23.17 1.22 -4.86
N TYR B 122 -22.25 2.12 -4.47
CA TYR B 122 -21.72 3.15 -5.38
C TYR B 122 -20.25 2.97 -5.73
N ASN B 123 -19.42 2.57 -4.77
CA ASN B 123 -18.00 2.50 -5.02
C ASN B 123 -17.63 1.23 -5.78
N ALA B 124 -17.98 0.07 -5.20
CA ALA B 124 -17.62 -1.21 -5.82
C ALA B 124 -18.00 -1.30 -7.29
N PRO B 125 -19.21 -0.91 -7.73
CA PRO B 125 -19.47 -0.95 -9.19
C PRO B 125 -18.50 -0.11 -9.98
N HIS B 126 -18.19 1.11 -9.53
CA HIS B 126 -17.26 1.94 -10.28
C HIS B 126 -15.92 1.25 -10.42
N LEU B 127 -15.44 0.59 -9.35
CA LEU B 127 -14.17 -0.14 -9.40
C LEU B 127 -14.26 -1.37 -10.30
N MET B 128 -15.40 -2.09 -10.24
CA MET B 128 -15.63 -3.22 -11.15
C MET B 128 -15.55 -2.79 -12.61
N GLN B 129 -16.16 -1.65 -12.94
CA GLN B 129 -16.09 -1.17 -14.32
C GLN B 129 -14.65 -0.85 -14.68
N ASP B 130 -13.95 -0.12 -13.82
CA ASP B 130 -12.59 0.31 -14.13
C ASP B 130 -11.64 -0.87 -14.28
N LEU B 131 -11.86 -1.96 -13.53
CA LEU B 131 -11.00 -3.13 -13.64
C LEU B 131 -11.29 -3.90 -14.91
N ASP B 132 -12.55 -4.24 -15.13
CA ASP B 132 -13.06 -4.75 -16.41
C ASP B 132 -12.46 -4.00 -17.58
N THR B 133 -12.52 -2.67 -17.55
CA THR B 133 -11.96 -1.87 -18.63
C THR B 133 -10.46 -2.09 -18.74
N TYR B 134 -9.76 -2.07 -17.60
CA TYR B 134 -8.32 -2.31 -17.61
C TYR B 134 -8.00 -3.70 -18.15
N LEU B 135 -8.77 -4.71 -17.73
CA LEU B 135 -8.54 -6.07 -18.20
C LEU B 135 -8.74 -6.18 -19.71
N GLY B 136 -9.74 -5.47 -20.23
CA GLY B 136 -10.05 -5.61 -21.64
C GLY B 136 -10.34 -7.05 -22.00
N GLY B 137 -9.83 -7.47 -23.17
CA GLY B 137 -9.93 -8.81 -23.69
C GLY B 137 -8.76 -9.69 -23.35
N ARG B 138 -7.84 -9.21 -22.51
CA ARG B 138 -6.65 -9.96 -22.19
C ARG B 138 -6.96 -11.10 -21.21
N GLU B 139 -5.95 -11.92 -21.01
CA GLU B 139 -6.08 -13.13 -20.20
C GLU B 139 -5.81 -12.84 -18.73
N TRP B 140 -4.72 -12.14 -18.45
CA TRP B 140 -4.39 -11.76 -17.08
C TRP B 140 -4.38 -10.24 -16.96
N LEU B 141 -4.60 -9.76 -15.73
CA LEU B 141 -4.58 -8.33 -15.48
C LEU B 141 -3.36 -7.65 -16.08
N ILE B 142 -2.19 -8.27 -15.94
CA ILE B 142 -0.94 -7.67 -16.38
C ILE B 142 -0.18 -8.68 -17.21
N GLY B 143 0.42 -8.22 -18.30
CA GLY B 143 1.20 -9.06 -19.20
C GLY B 143 0.40 -10.23 -19.75
N ASN B 144 1.10 -11.32 -20.07
CA ASN B 144 0.49 -12.47 -20.71
C ASN B 144 0.49 -13.72 -19.83
N SER B 145 0.88 -13.59 -18.56
CA SER B 145 0.90 -14.68 -17.60
C SER B 145 0.42 -14.19 -16.24
N VAL B 146 0.07 -15.16 -15.38
CA VAL B 146 -0.49 -14.86 -14.07
C VAL B 146 0.51 -14.09 -13.20
N THR B 147 0.01 -13.09 -12.47
CA THR B 147 0.80 -12.42 -11.46
C THR B 147 0.12 -12.56 -10.12
N TRP B 148 0.78 -12.07 -9.06
CA TRP B 148 0.13 -12.07 -7.76
C TRP B 148 -0.93 -10.97 -7.65
N ALA B 149 -0.90 -9.97 -8.55
CA ALA B 149 -2.08 -9.12 -8.76
C ALA B 149 -3.32 -9.92 -9.18
N ASP B 150 -3.16 -10.93 -10.03
CA ASP B 150 -4.32 -11.77 -10.34
C ASP B 150 -4.77 -12.55 -9.13
N PHE B 151 -3.82 -13.09 -8.35
CA PHE B 151 -4.15 -13.68 -7.06
C PHE B 151 -4.92 -12.69 -6.21
N TYR B 152 -4.42 -11.46 -6.13
CA TYR B 152 -5.07 -10.47 -5.28
C TYR B 152 -6.48 -10.19 -5.75
N TRP B 153 -6.69 -10.10 -7.06
CA TRP B 153 -8.05 -9.86 -7.55
C TRP B 153 -8.99 -10.97 -7.10
N GLU B 154 -8.57 -12.23 -7.17
CA GLU B 154 -9.46 -13.32 -6.75
C GLU B 154 -9.73 -13.25 -5.26
N ILE B 155 -8.70 -12.95 -4.46
CA ILE B 155 -8.84 -12.91 -3.01
C ILE B 155 -9.80 -11.79 -2.59
N CYS B 156 -9.56 -10.57 -3.08
CA CYS B 156 -10.46 -9.46 -2.76
C CYS B 156 -11.90 -9.75 -3.17
N SER B 157 -12.08 -10.20 -4.42
CA SER B 157 -13.45 -10.38 -4.93
C SER B 157 -14.17 -11.49 -4.19
N THR B 158 -13.45 -12.54 -3.78
CA THR B 158 -14.07 -13.57 -2.95
C THR B 158 -14.66 -12.95 -1.68
N THR B 159 -13.95 -12.00 -1.08
CA THR B 159 -14.46 -11.36 0.13
C THR B 159 -15.59 -10.39 -0.20
N LEU B 160 -15.48 -9.67 -1.32
CA LEU B 160 -16.51 -8.71 -1.71
C LEU B 160 -17.81 -9.40 -2.07
N LEU B 161 -17.74 -10.51 -2.81
CA LEU B 161 -18.95 -11.21 -3.21
C LEU B 161 -19.75 -11.71 -2.01
N VAL B 162 -19.10 -11.92 -0.86
CA VAL B 162 -19.84 -12.37 0.33
C VAL B 162 -20.87 -11.35 0.73
N PHE B 163 -20.58 -10.06 0.53
CA PHE B 163 -21.49 -8.98 0.87
C PHE B 163 -22.33 -8.48 -0.31
N LYS B 164 -21.79 -8.55 -1.53
CA LYS B 164 -22.55 -8.21 -2.74
C LYS B 164 -22.44 -9.35 -3.73
N PRO B 165 -23.42 -10.26 -3.76
CA PRO B 165 -23.36 -11.35 -4.75
C PRO B 165 -23.60 -10.88 -6.17
N ASP B 166 -24.45 -9.87 -6.37
CA ASP B 166 -24.67 -9.29 -7.69
C ASP B 166 -23.55 -8.34 -8.10
N LEU B 167 -22.41 -8.41 -7.43
CA LEU B 167 -21.29 -7.53 -7.73
C LEU B 167 -20.83 -7.70 -9.16
N LEU B 168 -20.45 -8.92 -9.53
CA LEU B 168 -19.86 -9.18 -10.83
C LEU B 168 -20.89 -9.62 -11.87
N ASP B 169 -22.19 -9.52 -11.56
CA ASP B 169 -23.23 -9.97 -12.46
C ASP B 169 -23.17 -9.30 -13.83
N ASN B 170 -22.50 -8.17 -13.94
CA ASN B 170 -22.38 -7.46 -15.21
C ASN B 170 -20.95 -7.46 -15.72
N HIS B 171 -20.08 -8.30 -15.17
CA HIS B 171 -18.66 -8.33 -15.55
C HIS B 171 -18.17 -9.76 -15.68
N PRO B 172 -18.71 -10.51 -16.66
CA PRO B 172 -18.25 -11.90 -16.84
C PRO B 172 -16.77 -12.01 -17.10
N ARG B 173 -16.15 -10.99 -17.70
CA ARG B 173 -14.71 -11.08 -17.95
C ARG B 173 -13.93 -11.13 -16.65
N LEU B 174 -14.42 -10.48 -15.59
CA LEU B 174 -13.71 -10.55 -14.32
C LEU B 174 -13.98 -11.85 -13.59
N VAL B 175 -15.17 -12.42 -13.79
CA VAL B 175 -15.45 -13.75 -13.25
C VAL B 175 -14.54 -14.78 -13.89
N THR B 176 -14.27 -14.63 -15.19
CA THR B 176 -13.41 -15.57 -15.88
C THR B 176 -12.00 -15.54 -15.31
N LEU B 177 -11.56 -14.36 -14.88
CA LEU B 177 -10.25 -14.24 -14.25
C LEU B 177 -10.23 -14.95 -12.90
N ARG B 178 -11.32 -14.83 -12.13
CA ARG B 178 -11.44 -15.62 -10.91
C ARG B 178 -11.25 -17.09 -11.21
N LYS B 179 -12.06 -17.60 -12.15
CA LYS B 179 -12.02 -19.03 -12.44
C LYS B 179 -10.66 -19.46 -12.97
N LYS B 180 -10.09 -18.67 -13.90
CA LYS B 180 -8.74 -18.97 -14.36
C LYS B 180 -7.75 -19.04 -13.19
N VAL B 181 -7.79 -18.05 -12.30
CA VAL B 181 -6.91 -18.08 -11.14
C VAL B 181 -7.21 -19.30 -10.28
N GLN B 182 -8.49 -19.54 -9.98
CA GLN B 182 -8.86 -20.66 -9.14
C GLN B 182 -8.47 -22.01 -9.74
N ALA B 183 -8.19 -22.06 -11.04
CA ALA B 183 -7.90 -23.34 -11.69
C ALA B 183 -6.42 -23.62 -11.82
N ILE B 184 -5.56 -22.67 -11.44
CA ILE B 184 -4.13 -22.95 -11.37
C ILE B 184 -3.96 -24.08 -10.37
N PRO B 185 -3.34 -25.21 -10.76
CA PRO B 185 -3.40 -26.42 -9.92
C PRO B 185 -2.92 -26.21 -8.50
N ALA B 186 -1.78 -25.53 -8.33
CA ALA B 186 -1.29 -25.28 -6.99
C ALA B 186 -2.30 -24.47 -6.17
N VAL B 187 -3.02 -23.54 -6.81
CA VAL B 187 -3.99 -22.74 -6.07
C VAL B 187 -5.26 -23.54 -5.81
N ALA B 188 -5.82 -24.13 -6.86
CA ALA B 188 -7.01 -24.97 -6.72
C ALA B 188 -6.92 -25.91 -5.55
N ASN B 189 -5.75 -26.54 -5.36
CA ASN B 189 -5.58 -27.44 -4.23
C ASN B 189 -5.75 -26.73 -2.90
N TRP B 190 -5.24 -25.49 -2.81
CA TRP B 190 -5.26 -24.77 -1.55
C TRP B 190 -6.67 -24.31 -1.18
N ILE B 191 -7.39 -23.71 -2.13
CA ILE B 191 -8.78 -23.30 -1.87
C ILE B 191 -9.57 -24.47 -1.30
N LYS B 192 -9.27 -25.69 -1.74
CA LYS B 192 -9.98 -26.86 -1.27
C LYS B 192 -9.48 -27.34 0.09
N ARG B 193 -8.19 -27.15 0.38
CA ARG B 193 -7.61 -27.64 1.62
C ARG B 193 -7.64 -26.62 2.76
N ARG B 194 -7.85 -25.34 2.45
CA ARG B 194 -7.79 -24.29 3.46
C ARG B 194 -8.97 -24.38 4.42
N PRO B 195 -8.87 -23.75 5.60
CA PRO B 195 -10.01 -23.75 6.53
C PRO B 195 -11.12 -22.88 5.97
N GLN B 196 -12.34 -23.40 6.00
CA GLN B 196 -13.49 -22.67 5.47
C GLN B 196 -13.90 -21.62 6.49
N THR B 197 -13.43 -20.39 6.30
CA THR B 197 -13.83 -19.26 7.13
C THR B 197 -14.66 -18.29 6.30
N LYS B 198 -15.45 -17.46 6.99
CA LYS B 198 -16.29 -16.50 6.29
C LYS B 198 -15.45 -15.47 5.55
N LEU B 199 -14.63 -14.73 6.28
CA LEU B 199 -13.77 -13.74 5.65
C LEU B 199 -12.35 -14.26 5.60
N1 GSH C . -3.49 6.17 -2.89
CA1 GSH C . -3.23 6.15 -4.32
C1 GSH C . -1.88 6.83 -4.60
O11 GSH C . -1.58 7.26 -5.74
O12 GSH C . -1.04 6.92 -3.68
CB1 GSH C . -4.37 6.90 -5.00
CG1 GSH C . -4.28 8.35 -4.58
CD1 GSH C . -5.57 9.10 -4.33
OE1 GSH C . -6.56 8.55 -3.95
N2 GSH C . -5.55 10.54 -4.57
CA2 GSH C . -6.70 11.38 -4.34
C2 GSH C . -7.56 11.50 -5.60
O2 GSH C . -7.08 11.39 -6.69
CB2 GSH C . -6.21 12.75 -3.84
SG2 GSH C . -4.64 12.62 -2.93
N3 GSH C . -8.99 11.74 -5.47
CA3 GSH C . -9.64 11.92 -4.17
C3 GSH C . -9.78 10.67 -3.30
O31 GSH C . -9.25 9.58 -3.66
O32 GSH C . -10.41 10.74 -2.21
C10 SWS D . -10.28 15.36 -1.49
C15 SWS D . -3.51 15.73 1.32
C17 SWS D . -2.26 13.87 1.82
C21 SWS D . -3.10 11.62 1.61
C22 SWS D . -3.34 13.01 1.47
C26 SWS D . 2.08 10.66 2.06
C01 SWS D . -11.53 17.68 -3.50
C02 SWS D . -11.29 16.19 -3.71
C03 SWS D . -12.51 15.39 -3.33
C05 SWS D . -10.03 15.70 -2.95
C06 SWS D . -8.85 16.68 -3.03
C07 SWS D . -7.60 16.11 -2.37
C08 SWS D . -7.86 15.73 -0.92
C09 SWS D . -9.05 14.79 -0.82
C12 SWS D . -5.84 15.74 0.50
C14 SWS D . -4.64 14.99 0.97
C18 SWS D . -1.04 13.32 2.25
C19 SWS D . -0.98 11.94 2.33
C23 SWS D . -4.53 13.62 1.04
C25 SWS D . 0.77 10.04 2.53
C27 SWS D . 1.54 12.03 2.47
N11 SWS D . -6.67 15.10 -0.35
N16 SWS D . -2.37 15.22 1.74
N20 SWS D . -1.97 11.09 2.01
N24 SWS D . 0.23 11.40 2.72
O04 SWS D . -11.04 15.98 -5.12
O13 SWS D . -6.02 16.92 0.81
C10 SWS E . -10.92 -6.25 13.69
C15 SWS E . -11.37 -9.33 6.97
C17 SWS E . -10.17 -8.59 5.16
C21 SWS E . -8.75 -6.66 5.23
C22 SWS E . -9.65 -7.52 5.92
C26 SWS E . -7.26 -8.81 0.56
C01 SWS E . -9.72 -8.57 16.55
C02 SWS E . -10.65 -7.56 15.89
C03 SWS E . -12.09 -7.83 16.31
C05 SWS E . -10.48 -7.54 14.36
C06 SWS E . -11.18 -8.71 13.66
C07 SWS E . -10.86 -8.73 12.17
C08 SWS E . -11.23 -7.43 11.48
C09 SWS E . -10.60 -6.24 12.20
C12 SWS E . -11.40 -8.33 9.22
C14 SWS E . -10.91 -8.32 7.81
C18 SWS E . -9.82 -8.76 3.81
C19 SWS E . -8.94 -7.82 3.29
C23 SWS E . -10.02 -7.41 7.26
C25 SWS E . -7.42 -7.45 1.23
C27 SWS E . -8.57 -9.26 1.22
N11 SWS E . -10.83 -7.48 10.08
N16 SWS E . -11.05 -9.50 5.71
N20 SWS E . -8.39 -6.80 3.96
N24 SWS E . -8.57 -8.00 1.98
O04 SWS E . -10.28 -6.25 16.38
O13 SWS E . -12.27 -9.11 9.58
#